data_3D5W
#
_entry.id   3D5W
#
_cell.length_a   133.990
_cell.length_b   133.990
_cell.length_c   133.990
_cell.angle_alpha   90.00
_cell.angle_beta   90.00
_cell.angle_gamma   90.00
#
_symmetry.space_group_name_H-M   'I 2 3'
#
loop_
_entity.id
_entity.type
_entity.pdbx_description
1 polymer 'Polo-like kinase 1'
2 non-polymer "ADENOSINE-5'-DIPHOSPHATE"
3 water water
#
_entity_poly.entity_id   1
_entity_poly.type   'polypeptide(L)'
_entity_poly.pdbx_seq_one_letter_code
;GPLGSMSAAIAKPSAKPSAHVDPKSAPLKEIPDVLVDPRTMKRYMRGRFLGKGGFAKCYEITDMDTKEVFAGKVVPKSML
LKPHQKEKMSTEIAIHKSLDNPHVVGFHGFFEDDDFVYVVLEICRRRSLLELHKRRKAVTEPEARYFMRQTIQGVQYLHN
NRVIHRDLKLGNLFLNDDMDVKIGDFGLATKIEFDGERKK(TPO)LCGTPNYIAPEVLCKKGHSFEVDIWSLGCILYTLL
VGKPPFETSCLKETYIRIKKNEYSVPRHINPVASALIRRMLHADPTLRPSVAELLTDEFFTSGYAPMRLPTSCLTVPPRF
S
;
_entity_poly.pdbx_strand_id   A
#
loop_
_chem_comp.id
_chem_comp.type
_chem_comp.name
_chem_comp.formula
ADP non-polymer ADENOSINE-5'-DIPHOSPHATE 'C10 H15 N5 O10 P2'
#
# COMPACT_ATOMS: atom_id res chain seq x y z
N LYS A 29 -20.52 -22.89 0.22
CA LYS A 29 -19.44 -23.05 -0.79
C LYS A 29 -18.11 -23.43 -0.13
N GLU A 30 -17.26 -24.10 -0.92
CA GLU A 30 -15.91 -24.48 -0.46
C GLU A 30 -14.91 -24.30 -1.60
N ILE A 31 -13.81 -23.62 -1.30
CA ILE A 31 -12.76 -23.37 -2.27
C ILE A 31 -11.97 -24.66 -2.53
N PRO A 32 -11.88 -25.09 -3.81
CA PRO A 32 -11.17 -26.31 -4.21
C PRO A 32 -9.77 -26.42 -3.63
N ASP A 33 -9.35 -27.65 -3.33
CA ASP A 33 -8.01 -27.92 -2.80
C ASP A 33 -6.95 -27.84 -3.89
N VAL A 34 -7.38 -28.04 -5.14
CA VAL A 34 -6.51 -27.91 -6.31
C VAL A 34 -7.10 -26.85 -7.24
N LEU A 35 -6.35 -25.78 -7.47
CA LEU A 35 -6.82 -24.65 -8.27
C LEU A 35 -6.31 -24.76 -9.70
N VAL A 36 -7.25 -24.96 -10.64
CA VAL A 36 -6.92 -25.15 -12.06
C VAL A 36 -7.50 -24.06 -12.95
N ASP A 37 -6.72 -23.66 -13.95
CA ASP A 37 -7.16 -22.65 -14.92
C ASP A 37 -7.11 -23.19 -16.36
N PRO A 38 -8.08 -22.78 -17.19
CA PRO A 38 -8.11 -23.17 -18.60
C PRO A 38 -6.88 -22.71 -19.39
N ARG A 39 -6.34 -21.53 -19.04
CA ARG A 39 -5.23 -20.93 -19.76
C ARG A 39 -3.90 -21.68 -19.57
N THR A 40 -3.20 -21.40 -18.46
CA THR A 40 -1.89 -22.00 -18.17
C THR A 40 -1.98 -23.51 -17.95
N MET A 41 -3.18 -23.97 -17.58
CA MET A 41 -3.44 -25.37 -17.19
C MET A 41 -2.51 -25.86 -16.10
N LYS A 42 -2.23 -24.96 -15.14
CA LYS A 42 -1.45 -25.27 -13.97
C LYS A 42 -2.37 -25.60 -12.79
N ARG A 43 -1.82 -26.32 -11.82
CA ARG A 43 -2.58 -26.73 -10.65
C ARG A 43 -1.96 -26.14 -9.39
N TYR A 44 -2.76 -25.43 -8.61
CA TYR A 44 -2.30 -24.82 -7.36
C TYR A 44 -2.94 -25.49 -6.16
N MET A 45 -2.11 -26.14 -5.35
CA MET A 45 -2.55 -26.75 -4.10
C MET A 45 -2.82 -25.67 -3.07
N ARG A 46 -4.09 -25.53 -2.68
CA ARG A 46 -4.48 -24.56 -1.66
C ARG A 46 -3.98 -25.01 -0.29
N GLY A 47 -3.15 -24.17 0.33
CA GLY A 47 -2.53 -24.50 1.61
C GLY A 47 -3.09 -23.69 2.76
N ARG A 48 -2.19 -23.12 3.57
CA ARG A 48 -2.57 -22.44 4.81
C ARG A 48 -3.22 -21.07 4.59
N PHE A 49 -4.14 -20.73 5.50
CA PHE A 49 -4.83 -19.45 5.52
C PHE A 49 -3.85 -18.32 5.85
N LEU A 50 -3.98 -17.19 5.16
CA LEU A 50 -3.10 -16.05 5.37
C LEU A 50 -3.83 -14.84 5.92
N GLY A 51 -5.10 -14.69 5.53
CA GLY A 51 -5.93 -13.57 5.96
C GLY A 51 -7.06 -13.26 5.00
N LYS A 52 -7.96 -12.38 5.44
CA LYS A 52 -9.08 -11.95 4.61
C LYS A 52 -9.25 -10.43 4.67
N GLY A 53 -10.19 -9.90 3.88
CA GLY A 53 -10.44 -8.46 3.83
C GLY A 53 -11.65 -8.06 3.03
N GLY A 54 -11.44 -7.19 2.03
CA GLY A 54 -12.52 -6.65 1.22
C GLY A 54 -13.12 -7.65 0.25
N PHE A 55 -13.91 -8.57 0.79
CA PHE A 55 -14.58 -9.61 0.01
C PHE A 55 -13.61 -10.61 -0.63
N ALA A 56 -12.46 -10.81 0.01
CA ALA A 56 -11.45 -11.74 -0.49
C ALA A 56 -10.81 -12.54 0.64
N LYS A 57 -10.43 -13.78 0.34
CA LYS A 57 -9.75 -14.64 1.30
C LYS A 57 -8.47 -15.21 0.67
N CYS A 58 -7.33 -14.88 1.29
CA CYS A 58 -6.02 -15.23 0.74
C CYS A 58 -5.46 -16.53 1.34
N TYR A 59 -4.83 -17.33 0.49
CA TYR A 59 -4.23 -18.61 0.89
C TYR A 59 -2.83 -18.77 0.31
N GLU A 60 -2.00 -19.55 1.00
CA GLU A 60 -0.68 -19.91 0.49
C GLU A 60 -0.85 -21.06 -0.51
N ILE A 61 -0.56 -20.79 -1.78
CA ILE A 61 -0.75 -21.77 -2.84
C ILE A 61 0.56 -22.25 -3.43
N THR A 62 0.63 -23.55 -3.71
CA THR A 62 1.84 -24.17 -4.27
C THR A 62 1.51 -24.86 -5.59
N ASP A 63 2.29 -24.56 -6.62
CA ASP A 63 2.21 -25.26 -7.90
C ASP A 63 2.64 -26.71 -7.69
N MET A 64 1.76 -27.64 -8.06
CA MET A 64 1.93 -29.05 -7.70
C MET A 64 3.02 -29.79 -8.47
N ASP A 65 3.58 -29.15 -9.49
CA ASP A 65 4.59 -29.79 -10.33
C ASP A 65 5.99 -29.19 -10.16
N THR A 66 6.05 -27.88 -9.91
CA THR A 66 7.34 -27.19 -9.73
C THR A 66 7.59 -26.74 -8.28
N LYS A 67 6.55 -26.83 -7.44
CA LYS A 67 6.63 -26.53 -5.99
C LYS A 67 6.97 -25.07 -5.67
N GLU A 68 6.53 -24.16 -6.53
CA GLU A 68 6.69 -22.73 -6.31
C GLU A 68 5.54 -22.21 -5.45
N VAL A 69 5.86 -21.40 -4.46
CA VAL A 69 4.88 -20.90 -3.49
C VAL A 69 4.39 -19.49 -3.85
N PHE A 70 3.08 -19.29 -3.78
CA PHE A 70 2.45 -18.01 -4.08
C PHE A 70 1.34 -17.69 -3.08
N ALA A 71 0.83 -16.45 -3.14
CA ALA A 71 -0.36 -16.06 -2.40
C ALA A 71 -1.55 -16.01 -3.35
N GLY A 72 -2.59 -16.79 -3.04
CA GLY A 72 -3.77 -16.87 -3.87
C GLY A 72 -4.96 -16.14 -3.28
N LYS A 73 -5.32 -15.01 -3.90
CA LYS A 73 -6.51 -14.27 -3.52
C LYS A 73 -7.74 -14.91 -4.15
N VAL A 74 -8.68 -15.33 -3.30
CA VAL A 74 -9.89 -16.02 -3.74
C VAL A 74 -11.12 -15.17 -3.43
N VAL A 75 -11.78 -14.68 -4.49
CA VAL A 75 -12.93 -13.79 -4.34
C VAL A 75 -14.21 -14.42 -4.91
N PRO A 76 -15.29 -14.48 -4.09
CA PRO A 76 -16.58 -15.04 -4.52
C PRO A 76 -17.28 -14.17 -5.56
N LYS A 77 -17.94 -14.83 -6.52
CA LYS A 77 -18.69 -14.14 -7.57
C LYS A 77 -19.99 -13.53 -7.04
N SER A 78 -20.40 -13.93 -5.84
CA SER A 78 -21.54 -13.33 -5.14
C SER A 78 -21.20 -11.93 -4.64
N MET A 79 -19.90 -11.68 -4.42
CA MET A 79 -19.41 -10.36 -4.03
C MET A 79 -19.35 -9.40 -5.23
N LEU A 80 -19.32 -9.97 -6.43
CA LEU A 80 -19.33 -9.18 -7.67
C LEU A 80 -20.77 -8.95 -8.15
N PRO A 83 -21.80 -6.10 -13.44
CA PRO A 83 -20.72 -5.51 -14.24
C PRO A 83 -20.20 -4.19 -13.67
N HIS A 84 -20.73 -3.79 -12.52
CA HIS A 84 -20.30 -2.56 -11.84
C HIS A 84 -19.07 -2.83 -10.97
N GLN A 85 -19.17 -3.85 -10.12
CA GLN A 85 -18.06 -4.26 -9.25
C GLN A 85 -17.03 -5.07 -10.05
N LYS A 86 -17.51 -5.76 -11.08
CA LYS A 86 -16.66 -6.56 -11.96
C LYS A 86 -15.74 -5.70 -12.82
N GLU A 87 -16.16 -4.46 -13.08
CA GLU A 87 -15.34 -3.49 -13.81
C GLU A 87 -14.22 -2.93 -12.95
N LYS A 88 -14.49 -2.77 -11.66
CA LYS A 88 -13.52 -2.22 -10.70
C LYS A 88 -12.41 -3.22 -10.37
N MET A 89 -12.71 -4.51 -10.54
CA MET A 89 -11.74 -5.57 -10.30
C MET A 89 -10.91 -5.85 -11.55
N SER A 90 -11.56 -5.78 -12.72
CA SER A 90 -10.88 -6.02 -14.00
C SER A 90 -9.89 -4.92 -14.36
N THR A 91 -10.12 -3.71 -13.85
CA THR A 91 -9.17 -2.61 -14.02
C THR A 91 -8.00 -2.71 -13.04
N GLU A 92 -8.28 -3.25 -11.85
CA GLU A 92 -7.24 -3.52 -10.84
C GLU A 92 -6.25 -4.54 -11.36
N ILE A 93 -6.79 -5.61 -11.95
CA ILE A 93 -5.99 -6.69 -12.53
C ILE A 93 -5.12 -6.18 -13.68
N ALA A 94 -5.72 -5.41 -14.59
CA ALA A 94 -5.02 -4.84 -15.74
C ALA A 94 -3.88 -3.90 -15.33
N ILE A 95 -4.09 -3.15 -14.26
CA ILE A 95 -3.06 -2.27 -13.70
C ILE A 95 -1.95 -3.08 -13.03
N HIS A 96 -2.35 -4.03 -12.18
CA HIS A 96 -1.39 -4.86 -11.41
C HIS A 96 -0.56 -5.77 -12.30
N LYS A 97 -1.19 -6.32 -13.35
CA LYS A 97 -0.53 -7.23 -14.29
C LYS A 97 0.63 -6.56 -15.04
N SER A 98 0.45 -5.29 -15.40
CA SER A 98 1.44 -4.54 -16.17
C SER A 98 2.62 -4.04 -15.34
N LEU A 99 2.65 -4.42 -14.06
CA LEU A 99 3.64 -3.94 -13.12
C LEU A 99 4.73 -4.97 -12.82
N ASP A 100 5.97 -4.51 -12.75
CA ASP A 100 7.12 -5.35 -12.38
C ASP A 100 8.18 -4.49 -11.69
N ASN A 101 8.27 -4.63 -10.37
CA ASN A 101 9.20 -3.86 -9.55
C ASN A 101 9.44 -4.54 -8.20
N PRO A 102 10.71 -4.57 -7.74
CA PRO A 102 11.09 -5.20 -6.46
C PRO A 102 10.42 -4.64 -5.20
N HIS A 103 9.67 -3.55 -5.33
CA HIS A 103 8.96 -2.96 -4.18
C HIS A 103 7.44 -2.97 -4.37
N VAL A 104 6.99 -3.73 -5.36
CA VAL A 104 5.56 -3.92 -5.63
C VAL A 104 5.25 -5.42 -5.59
N VAL A 105 4.13 -5.77 -4.95
CA VAL A 105 3.66 -7.15 -4.94
C VAL A 105 3.55 -7.68 -6.37
N GLY A 106 4.34 -8.71 -6.67
CA GLY A 106 4.38 -9.30 -8.01
C GLY A 106 3.07 -9.95 -8.41
N PHE A 107 2.59 -9.62 -9.61
CA PHE A 107 1.40 -10.23 -10.19
C PHE A 107 1.84 -11.36 -11.11
N HIS A 108 1.44 -12.59 -10.77
CA HIS A 108 1.88 -13.78 -11.50
C HIS A 108 0.78 -14.49 -12.28
N GLY A 109 -0.43 -13.93 -12.27
CA GLY A 109 -1.52 -14.47 -13.06
C GLY A 109 -2.88 -14.44 -12.40
N PHE A 110 -3.94 -14.44 -13.21
CA PHE A 110 -5.31 -14.47 -12.71
C PHE A 110 -6.18 -15.41 -13.55
N PHE A 111 -7.18 -16.00 -12.90
CA PHE A 111 -8.14 -16.89 -13.56
C PHE A 111 -9.41 -17.09 -12.75
N GLU A 112 -10.47 -17.53 -13.40
CA GLU A 112 -11.75 -17.77 -12.73
C GLU A 112 -12.47 -19.02 -13.25
N ASP A 113 -13.08 -19.77 -12.33
CA ASP A 113 -13.97 -20.86 -12.69
C ASP A 113 -15.42 -20.37 -12.69
N ASP A 114 -16.35 -21.20 -12.20
CA ASP A 114 -17.76 -20.84 -12.16
C ASP A 114 -18.19 -20.17 -10.85
N ASP A 115 -17.32 -20.19 -9.85
CA ASP A 115 -17.66 -19.65 -8.52
C ASP A 115 -16.67 -18.61 -7.99
N PHE A 116 -15.39 -18.82 -8.24
CA PHE A 116 -14.34 -17.96 -7.67
C PHE A 116 -13.36 -17.40 -8.69
N VAL A 117 -12.88 -16.20 -8.42
CA VAL A 117 -11.80 -15.58 -9.20
C VAL A 117 -10.50 -15.70 -8.41
N TYR A 118 -9.46 -16.23 -9.05
CA TYR A 118 -8.19 -16.52 -8.40
C TYR A 118 -7.07 -15.59 -8.89
N VAL A 119 -6.61 -14.72 -8.01
CA VAL A 119 -5.46 -13.86 -8.29
C VAL A 119 -4.22 -14.44 -7.64
N VAL A 120 -3.20 -14.71 -8.45
CA VAL A 120 -1.95 -15.33 -7.98
C VAL A 120 -0.88 -14.25 -7.79
N LEU A 121 -0.44 -14.09 -6.54
CA LEU A 121 0.47 -13.01 -6.17
C LEU A 121 1.75 -13.50 -5.52
N GLU A 122 2.76 -12.62 -5.50
CA GLU A 122 4.00 -12.85 -4.76
C GLU A 122 3.69 -13.04 -3.27
N ILE A 123 4.30 -14.06 -2.67
CA ILE A 123 4.02 -14.39 -1.28
C ILE A 123 4.72 -13.45 -0.29
N CYS A 124 3.93 -12.81 0.56
CA CYS A 124 4.43 -11.91 1.60
C CYS A 124 4.08 -12.46 2.99
N ARG A 125 4.99 -13.23 3.56
CA ARG A 125 4.73 -14.00 4.77
C ARG A 125 4.85 -13.22 6.07
N ARG A 126 5.37 -11.99 6.00
CA ARG A 126 5.57 -11.17 7.19
C ARG A 126 4.46 -10.11 7.38
N ARG A 127 3.25 -10.49 6.98
CA ARG A 127 2.06 -9.62 7.09
C ARG A 127 2.29 -8.22 6.49
N SER A 128 1.72 -7.20 7.13
CA SER A 128 1.86 -5.83 6.64
C SER A 128 2.45 -4.90 7.70
N LEU A 129 2.72 -3.68 7.29
CA LEU A 129 3.29 -2.65 8.16
C LEU A 129 2.27 -2.17 9.20
N LEU A 130 1.00 -2.51 8.99
CA LEU A 130 -0.06 -2.21 9.94
C LEU A 130 0.05 -3.07 11.21
N GLU A 131 0.35 -4.36 11.03
CA GLU A 131 0.51 -5.29 12.14
C GLU A 131 1.79 -5.03 12.92
N LEU A 132 2.82 -4.53 12.25
CA LEU A 132 4.05 -4.09 12.90
C LEU A 132 3.74 -2.85 13.74
N HIS A 133 2.97 -1.94 13.15
CA HIS A 133 2.57 -0.70 13.81
C HIS A 133 1.78 -0.93 15.10
N LYS A 134 0.86 -1.89 15.08
CA LYS A 134 0.00 -2.18 16.22
C LYS A 134 0.78 -2.81 17.39
N ARG A 135 1.76 -3.64 17.05
CA ARG A 135 2.57 -4.33 18.04
C ARG A 135 3.70 -3.44 18.57
N ARG A 136 4.16 -2.50 17.74
CA ARG A 136 5.33 -1.69 18.08
C ARG A 136 5.01 -0.28 18.56
N LYS A 137 3.88 0.26 18.11
CA LYS A 137 3.56 1.68 18.24
C LYS A 137 4.63 2.50 17.49
N ALA A 138 5.00 3.67 18.01
CA ALA A 138 6.05 4.48 17.41
C ALA A 138 7.35 3.68 17.27
N VAL A 139 7.88 3.65 16.04
CA VAL A 139 9.13 2.94 15.75
C VAL A 139 10.32 3.89 15.81
N THR A 140 11.53 3.33 15.75
CA THR A 140 12.75 4.14 15.78
C THR A 140 12.99 4.85 14.45
N GLU A 141 13.73 5.95 14.50
CA GLU A 141 14.02 6.78 13.32
C GLU A 141 14.68 6.01 12.16
N PRO A 142 15.72 5.18 12.44
CA PRO A 142 16.32 4.37 11.37
C PRO A 142 15.34 3.42 10.67
N GLU A 143 14.37 2.88 11.40
CA GLU A 143 13.37 1.98 10.84
C GLU A 143 12.47 2.67 9.82
N ALA A 144 11.99 3.86 10.18
CA ALA A 144 11.15 4.67 9.30
C ALA A 144 11.89 5.08 8.02
N ARG A 145 13.18 5.35 8.16
CA ARG A 145 14.05 5.61 7.00
C ARG A 145 14.04 4.43 6.03
N TYR A 146 14.24 3.23 6.57
CA TYR A 146 14.25 2.00 5.79
C TYR A 146 12.89 1.73 5.13
N PHE A 147 11.82 1.76 5.92
CA PHE A 147 10.47 1.46 5.42
C PHE A 147 10.00 2.50 4.39
N MET A 148 10.22 3.78 4.68
CA MET A 148 9.80 4.86 3.78
C MET A 148 10.58 4.85 2.47
N ARG A 149 11.90 4.66 2.55
CA ARG A 149 12.76 4.62 1.35
C ARG A 149 12.30 3.55 0.36
N GLN A 150 12.16 2.32 0.84
CA GLN A 150 11.69 1.21 0.00
C GLN A 150 10.30 1.47 -0.56
N THR A 151 9.43 2.08 0.24
CA THR A 151 8.07 2.41 -0.16
C THR A 151 8.06 3.49 -1.24
N ILE A 152 8.86 4.54 -1.05
CA ILE A 152 8.96 5.65 -2.00
C ILE A 152 9.56 5.21 -3.33
N GLN A 153 10.57 4.35 -3.28
CA GLN A 153 11.14 3.73 -4.49
C GLN A 153 10.09 2.98 -5.29
N GLY A 154 9.15 2.35 -4.59
CA GLY A 154 8.00 1.69 -5.22
C GLY A 154 7.03 2.70 -5.82
N VAL A 155 6.74 3.76 -5.06
CA VAL A 155 5.84 4.82 -5.50
C VAL A 155 6.40 5.55 -6.74
N GLN A 156 7.71 5.79 -6.74
CA GLN A 156 8.39 6.40 -7.87
C GLN A 156 8.20 5.57 -9.14
N TYR A 157 8.41 4.27 -9.03
CA TYR A 157 8.19 3.34 -10.14
C TYR A 157 6.76 3.47 -10.66
N LEU A 158 5.80 3.54 -9.74
CA LEU A 158 4.38 3.65 -10.11
C LEU A 158 4.08 4.96 -10.84
N HIS A 159 4.66 6.06 -10.37
CA HIS A 159 4.40 7.37 -10.97
C HIS A 159 5.11 7.55 -12.31
N ASN A 160 6.30 6.98 -12.44
CA ASN A 160 7.01 6.94 -13.71
C ASN A 160 6.20 6.25 -14.81
N ASN A 161 5.41 5.25 -14.42
CA ASN A 161 4.49 4.57 -15.33
C ASN A 161 3.06 5.10 -15.26
N ARG A 162 2.93 6.34 -14.77
CA ARG A 162 1.65 7.07 -14.73
C ARG A 162 0.54 6.39 -13.90
N VAL A 163 0.94 5.60 -12.91
CA VAL A 163 0.00 4.94 -12.02
C VAL A 163 -0.09 5.68 -10.69
N ILE A 164 -1.30 6.11 -10.34
CA ILE A 164 -1.57 6.67 -9.03
C ILE A 164 -2.23 5.59 -8.19
N HIS A 165 -1.65 5.30 -7.02
CA HIS A 165 -2.15 4.25 -6.14
C HIS A 165 -3.46 4.63 -5.44
N ARG A 166 -3.51 5.83 -4.88
CA ARG A 166 -4.71 6.39 -4.23
C ARG A 166 -5.16 5.68 -2.93
N ASP A 167 -4.51 4.57 -2.59
CA ASP A 167 -4.85 3.82 -1.38
C ASP A 167 -3.61 3.40 -0.58
N LEU A 168 -2.62 4.29 -0.51
CA LEU A 168 -1.40 4.02 0.24
C LEU A 168 -1.65 4.14 1.74
N LYS A 169 -1.41 3.04 2.44
CA LYS A 169 -1.56 2.96 3.88
C LYS A 169 -0.68 1.83 4.43
N LEU A 170 -0.62 1.70 5.75
CA LEU A 170 0.22 0.69 6.38
C LEU A 170 -0.23 -0.74 6.05
N GLY A 171 -1.54 -0.93 5.91
CA GLY A 171 -2.10 -2.23 5.60
C GLY A 171 -1.91 -2.68 4.16
N ASN A 172 -1.47 -1.77 3.30
CA ASN A 172 -1.20 -2.07 1.90
C ASN A 172 0.30 -2.17 1.57
N LEU A 173 1.14 -1.89 2.57
CA LEU A 173 2.58 -2.08 2.45
C LEU A 173 2.94 -3.42 3.09
N PHE A 174 3.09 -4.44 2.25
CA PHE A 174 3.32 -5.80 2.71
C PHE A 174 4.79 -6.08 2.96
N LEU A 175 5.07 -7.11 3.75
CA LEU A 175 6.42 -7.50 4.09
C LEU A 175 6.67 -8.96 3.79
N ASN A 176 7.84 -9.25 3.23
CA ASN A 176 8.26 -10.63 3.01
C ASN A 176 9.21 -11.09 4.10
N ASP A 177 9.74 -12.31 3.98
CA ASP A 177 10.63 -12.90 4.97
C ASP A 177 11.93 -12.12 5.19
N ASP A 178 12.33 -11.33 4.19
CA ASP A 178 13.53 -10.50 4.28
C ASP A 178 13.22 -9.10 4.78
N MET A 179 11.97 -8.88 5.19
CA MET A 179 11.47 -7.59 5.68
C MET A 179 11.48 -6.49 4.60
N ASP A 180 11.37 -6.92 3.34
CA ASP A 180 11.27 -6.00 2.22
C ASP A 180 9.81 -5.55 2.04
N VAL A 181 9.63 -4.25 1.85
CA VAL A 181 8.30 -3.67 1.65
C VAL A 181 7.79 -3.99 0.24
N LYS A 182 6.51 -4.36 0.17
CA LYS A 182 5.85 -4.69 -1.09
C LYS A 182 4.50 -3.99 -1.15
N ILE A 183 4.42 -2.92 -1.94
CA ILE A 183 3.16 -2.19 -2.12
C ILE A 183 2.15 -3.09 -2.84
N GLY A 184 0.94 -3.17 -2.29
CA GLY A 184 -0.11 -4.02 -2.86
C GLY A 184 -1.46 -3.34 -2.90
N ASP A 185 -2.48 -4.13 -3.28
CA ASP A 185 -3.86 -3.66 -3.44
C ASP A 185 -4.02 -2.43 -4.35
N PHE A 186 -4.21 -2.69 -5.63
CA PHE A 186 -4.40 -1.62 -6.62
C PHE A 186 -5.87 -1.43 -6.98
N GLY A 187 -6.75 -1.73 -6.01
CA GLY A 187 -8.20 -1.66 -6.21
C GLY A 187 -8.76 -0.27 -6.42
N LEU A 188 -7.98 0.74 -6.03
CA LEU A 188 -8.38 2.14 -6.21
C LEU A 188 -7.40 2.87 -7.12
N ALA A 189 -6.45 2.12 -7.68
CA ALA A 189 -5.42 2.68 -8.56
C ALA A 189 -5.99 3.13 -9.91
N THR A 190 -5.31 4.10 -10.52
CA THR A 190 -5.69 4.61 -11.82
C THR A 190 -4.47 4.97 -12.67
N LYS A 191 -4.53 4.63 -13.96
CA LYS A 191 -3.48 5.00 -14.91
C LYS A 191 -3.93 6.22 -15.70
N ILE A 192 -3.04 7.21 -15.80
CA ILE A 192 -3.34 8.40 -16.60
C ILE A 192 -2.65 8.34 -17.97
N GLU A 193 -3.32 8.86 -18.99
CA GLU A 193 -2.78 8.85 -20.35
C GLU A 193 -2.21 10.20 -20.78
N PHE A 194 -3.04 11.22 -20.87
CA PHE A 194 -2.58 12.54 -21.32
C PHE A 194 -1.97 13.37 -20.19
N ASP A 195 -1.17 14.36 -20.59
CA ASP A 195 -0.28 15.09 -19.68
C ASP A 195 -0.90 15.59 -18.38
N GLY A 196 -1.91 16.47 -18.49
CA GLY A 196 -2.50 17.10 -17.31
C GLY A 196 -3.88 16.61 -16.94
N GLU A 197 -4.05 15.28 -16.87
CA GLU A 197 -5.31 14.68 -16.46
C GLU A 197 -5.53 14.83 -14.96
N ARG A 198 -6.72 15.27 -14.58
CA ARG A 198 -7.08 15.42 -13.16
C ARG A 198 -8.29 14.53 -12.82
N LYS A 199 -8.05 13.55 -11.95
CA LYS A 199 -9.08 12.59 -11.55
C LYS A 199 -10.04 13.19 -10.53
N LYS A 200 -11.26 12.64 -10.48
CA LYS A 200 -12.34 13.22 -9.69
C LYS A 200 -13.05 12.26 -8.73
N TPO A 201 -12.71 10.97 -8.80
CA TPO A 201 -13.34 9.95 -7.95
CB TPO A 201 -13.04 8.55 -8.47
CG2 TPO A 201 -13.96 7.49 -7.86
OG1 TPO A 201 -13.23 8.53 -9.89
P TPO A 201 -12.04 8.04 -10.88
O1P TPO A 201 -11.90 6.57 -10.59
O2P TPO A 201 -10.85 8.89 -10.48
O3P TPO A 201 -12.59 8.36 -12.24
C TPO A 201 -12.95 10.09 -6.50
O TPO A 201 -11.75 10.18 -6.18
N LEU A 202 -13.95 10.12 -5.62
CA LEU A 202 -13.72 10.20 -4.19
C LEU A 202 -13.53 8.80 -3.62
N CYS A 203 -12.27 8.45 -3.35
CA CYS A 203 -11.91 7.12 -2.87
C CYS A 203 -10.68 7.15 -1.99
N GLY A 204 -10.58 6.17 -1.09
CA GLY A 204 -9.42 6.03 -0.22
C GLY A 204 -9.75 5.50 1.17
N THR A 205 -8.76 5.61 2.06
CA THR A 205 -8.92 5.22 3.46
C THR A 205 -8.90 6.50 4.31
N PRO A 206 -9.92 6.70 5.16
CA PRO A 206 -10.14 7.92 5.96
C PRO A 206 -8.88 8.59 6.51
N ASN A 207 -8.00 7.81 7.12
CA ASN A 207 -6.77 8.34 7.72
C ASN A 207 -5.72 8.83 6.70
N TYR A 208 -5.88 8.44 5.45
CA TYR A 208 -4.84 8.66 4.43
C TYR A 208 -5.29 9.42 3.20
N ILE A 209 -6.59 9.73 3.13
CA ILE A 209 -7.17 10.43 1.97
C ILE A 209 -6.71 11.89 1.91
N ALA A 210 -6.29 12.33 0.72
CA ALA A 210 -5.84 13.69 0.49
C ALA A 210 -7.00 14.69 0.47
N PRO A 211 -6.76 15.94 0.93
CA PRO A 211 -7.83 16.94 1.03
C PRO A 211 -8.50 17.26 -0.30
N GLU A 212 -7.73 17.23 -1.38
CA GLU A 212 -8.25 17.51 -2.73
C GLU A 212 -9.19 16.41 -3.25
N VAL A 213 -9.06 15.21 -2.68
CA VAL A 213 -9.93 14.08 -3.05
C VAL A 213 -11.30 14.22 -2.36
N LEU A 214 -11.29 14.70 -1.12
CA LEU A 214 -12.53 14.91 -0.35
C LEU A 214 -13.38 16.04 -0.93
N CYS A 215 -12.72 17.10 -1.40
CA CYS A 215 -13.40 18.26 -1.96
C CYS A 215 -13.92 18.02 -3.39
N LYS A 216 -13.55 16.88 -3.96
CA LYS A 216 -14.03 16.42 -5.28
C LYS A 216 -13.76 17.38 -6.44
N LYS A 217 -12.88 18.37 -6.20
CA LYS A 217 -12.55 19.37 -7.21
C LYS A 217 -11.66 18.81 -8.33
N GLY A 218 -10.81 17.85 -7.99
CA GLY A 218 -9.88 17.25 -8.93
C GLY A 218 -8.52 17.00 -8.30
N HIS A 219 -7.86 15.91 -8.70
CA HIS A 219 -6.60 15.51 -8.10
C HIS A 219 -5.68 14.73 -9.07
N SER A 220 -4.40 14.64 -8.72
CA SER A 220 -3.43 13.91 -9.55
C SER A 220 -2.43 13.10 -8.70
N PHE A 221 -1.16 13.12 -9.10
CA PHE A 221 -0.11 12.27 -8.51
C PHE A 221 0.26 12.58 -7.06
N GLU A 222 0.00 13.81 -6.63
CA GLU A 222 0.44 14.28 -5.31
C GLU A 222 -0.42 13.82 -4.14
N VAL A 223 -1.48 13.06 -4.43
CA VAL A 223 -2.31 12.44 -3.39
C VAL A 223 -1.57 11.27 -2.73
N ASP A 224 -0.69 10.63 -3.49
CA ASP A 224 0.15 9.54 -2.99
C ASP A 224 1.22 10.08 -2.05
N ILE A 225 1.69 11.30 -2.33
CA ILE A 225 2.67 11.97 -1.47
C ILE A 225 2.05 12.32 -0.12
N TRP A 226 0.80 12.79 -0.15
CA TRP A 226 0.04 13.07 1.06
C TRP A 226 -0.09 11.82 1.93
N SER A 227 -0.56 10.74 1.31
CA SER A 227 -0.71 9.46 2.01
C SER A 227 0.61 8.96 2.58
N LEU A 228 1.69 9.17 1.83
CA LEU A 228 3.05 8.84 2.29
C LEU A 228 3.42 9.65 3.53
N GLY A 229 2.98 10.90 3.57
CA GLY A 229 3.19 11.77 4.73
C GLY A 229 2.43 11.30 5.95
N CYS A 230 1.24 10.75 5.73
CA CYS A 230 0.44 10.12 6.78
C CYS A 230 1.14 8.86 7.31
N ILE A 231 1.70 8.09 6.39
CA ILE A 231 2.45 6.88 6.73
C ILE A 231 3.66 7.21 7.60
N LEU A 232 4.46 8.19 7.18
CA LEU A 232 5.65 8.60 7.92
C LEU A 232 5.33 9.10 9.32
N TYR A 233 4.30 9.95 9.42
CA TYR A 233 3.79 10.44 10.70
C TYR A 233 3.43 9.28 11.62
N THR A 234 2.62 8.35 11.11
CA THR A 234 2.12 7.22 11.89
C THR A 234 3.26 6.33 12.41
N LEU A 235 4.30 6.15 11.59
CA LEU A 235 5.44 5.34 11.97
C LEU A 235 6.25 5.96 13.11
N LEU A 236 6.48 7.28 13.03
CA LEU A 236 7.31 7.98 14.01
C LEU A 236 6.58 8.40 15.28
N VAL A 237 5.26 8.59 15.18
CA VAL A 237 4.46 9.11 16.30
C VAL A 237 3.66 8.00 17.00
N GLY A 238 3.18 7.04 16.23
CA GLY A 238 2.44 5.90 16.79
C GLY A 238 0.94 5.93 16.51
N LYS A 239 0.50 6.99 15.85
CA LYS A 239 -0.91 7.13 15.45
C LYS A 239 -1.06 8.03 14.22
N PRO A 240 -2.08 7.78 13.37
CA PRO A 240 -2.41 8.64 12.24
C PRO A 240 -2.60 10.12 12.65
N PRO A 241 -2.17 11.07 11.79
CA PRO A 241 -2.21 12.50 12.12
C PRO A 241 -3.60 13.10 12.31
N PHE A 242 -4.59 12.54 11.63
CA PHE A 242 -5.97 13.05 11.70
C PHE A 242 -6.89 12.05 12.40
N GLU A 243 -6.29 11.14 13.17
CA GLU A 243 -7.01 10.12 13.93
C GLU A 243 -7.99 10.74 14.93
N THR A 244 -9.24 10.30 14.86
CA THR A 244 -10.30 10.75 15.76
C THR A 244 -11.29 9.61 16.00
N SER A 245 -12.04 9.70 17.10
CA SER A 245 -13.12 8.76 17.40
C SER A 245 -14.28 8.92 16.43
N CYS A 246 -14.41 10.11 15.83
CA CYS A 246 -15.47 10.41 14.88
C CYS A 246 -14.95 10.50 13.45
N LEU A 247 -15.66 9.83 12.53
CA LEU A 247 -15.32 9.82 11.11
C LEU A 247 -15.56 11.18 10.45
N LYS A 248 -16.66 11.84 10.84
CA LYS A 248 -17.02 13.16 10.32
C LYS A 248 -15.99 14.21 10.70
N GLU A 249 -15.47 14.12 11.92
CA GLU A 249 -14.44 15.03 12.42
C GLU A 249 -13.12 14.87 11.67
N THR A 250 -12.71 13.61 11.46
CA THR A 250 -11.49 13.28 10.72
C THR A 250 -11.45 13.97 9.35
N TYR A 251 -12.56 13.90 8.62
CA TYR A 251 -12.68 14.54 7.30
C TYR A 251 -12.54 16.07 7.38
N ILE A 252 -13.10 16.67 8.43
CA ILE A 252 -13.01 18.12 8.65
C ILE A 252 -11.56 18.54 8.94
N ARG A 253 -10.89 17.76 9.78
CA ARG A 253 -9.47 17.97 10.09
C ARG A 253 -8.61 17.99 8.82
N ILE A 254 -8.86 17.03 7.93
CA ILE A 254 -8.09 16.89 6.69
C ILE A 254 -8.29 18.08 5.75
N LYS A 255 -9.56 18.42 5.48
CA LYS A 255 -9.88 19.53 4.58
C LYS A 255 -9.45 20.90 5.13
N LYS A 256 -9.40 21.01 6.46
CA LYS A 256 -8.90 22.22 7.12
C LYS A 256 -7.39 22.14 7.38
N ASN A 257 -6.79 21.01 7.04
CA ASN A 257 -5.36 20.75 7.26
C ASN A 257 -4.98 20.87 8.75
N GLU A 258 -5.81 20.28 9.61
CA GLU A 258 -5.62 20.39 11.06
C GLU A 258 -4.95 19.18 11.69
N TYR A 259 -3.65 19.33 11.94
CA TYR A 259 -2.81 18.32 12.56
C TYR A 259 -1.66 19.04 13.24
N SER A 260 -0.94 18.34 14.11
CA SER A 260 0.28 18.87 14.71
C SER A 260 1.29 17.75 14.95
N VAL A 261 2.51 17.97 14.50
CA VAL A 261 3.61 17.05 14.76
C VAL A 261 4.21 17.40 16.13
N PRO A 262 4.22 16.42 17.06
CA PRO A 262 4.78 16.62 18.39
C PRO A 262 6.22 17.14 18.36
N ARG A 263 6.56 17.95 19.36
CA ARG A 263 7.88 18.58 19.47
C ARG A 263 9.02 17.57 19.68
N HIS A 264 8.66 16.35 20.05
CA HIS A 264 9.63 15.30 20.36
C HIS A 264 10.26 14.67 19.11
N ILE A 265 9.59 14.84 17.96
CA ILE A 265 10.10 14.35 16.69
C ILE A 265 11.25 15.24 16.19
N ASN A 266 12.27 14.60 15.62
CA ASN A 266 13.39 15.29 14.99
C ASN A 266 12.89 16.36 14.02
N PRO A 267 13.30 17.62 14.24
CA PRO A 267 12.97 18.75 13.36
C PRO A 267 13.06 18.44 11.87
N VAL A 268 14.04 17.63 11.47
CA VAL A 268 14.22 17.24 10.07
C VAL A 268 13.05 16.39 9.55
N ALA A 269 12.65 15.40 10.35
CA ALA A 269 11.52 14.54 10.01
C ALA A 269 10.20 15.30 10.01
N SER A 270 10.01 16.17 11.00
CA SER A 270 8.81 16.99 11.10
C SER A 270 8.73 18.01 9.96
N ALA A 271 9.89 18.54 9.56
CA ALA A 271 9.98 19.43 8.39
C ALA A 271 9.51 18.72 7.13
N LEU A 272 9.95 17.47 6.96
CA LEU A 272 9.54 16.67 5.81
C LEU A 272 8.06 16.31 5.86
N ILE A 273 7.57 15.95 7.05
CA ILE A 273 6.15 15.61 7.25
C ILE A 273 5.25 16.80 6.89
N ARG A 274 5.61 17.99 7.36
CA ARG A 274 4.87 19.22 7.07
C ARG A 274 4.78 19.52 5.57
N ARG A 275 5.85 19.19 4.84
CA ARG A 275 5.89 19.41 3.39
C ARG A 275 5.03 18.40 2.63
N MET A 276 5.10 17.13 3.04
CA MET A 276 4.32 16.07 2.42
C MET A 276 2.82 16.22 2.69
N LEU A 277 2.49 16.77 3.85
CA LEU A 277 1.10 17.00 4.24
C LEU A 277 0.70 18.47 4.00
N HIS A 278 1.10 19.01 2.87
CA HIS A 278 0.78 20.39 2.53
C HIS A 278 -0.63 20.51 1.95
N ALA A 279 -1.32 21.56 2.33
CA ALA A 279 -2.68 21.84 1.85
C ALA A 279 -2.70 22.03 0.33
N ASP A 280 -1.72 22.75 -0.18
CA ASP A 280 -1.55 22.94 -1.63
C ASP A 280 -0.78 21.73 -2.19
N PRO A 281 -1.44 20.96 -3.08
CA PRO A 281 -0.84 19.80 -3.72
C PRO A 281 0.44 20.11 -4.51
N THR A 282 0.54 21.32 -5.04
CA THR A 282 1.69 21.72 -5.86
C THR A 282 2.91 22.11 -5.03
N LEU A 283 2.72 22.26 -3.72
CA LEU A 283 3.82 22.59 -2.81
C LEU A 283 4.38 21.35 -2.10
N ARG A 284 3.76 20.20 -2.34
CA ARG A 284 4.26 18.92 -1.82
C ARG A 284 5.46 18.47 -2.64
N PRO A 285 6.46 17.83 -2.00
CA PRO A 285 7.62 17.32 -2.71
C PRO A 285 7.23 16.28 -3.75
N SER A 286 7.99 16.20 -4.84
CA SER A 286 7.83 15.12 -5.81
C SER A 286 8.45 13.85 -5.23
N VAL A 287 8.16 12.71 -5.86
CA VAL A 287 8.70 11.43 -5.41
C VAL A 287 10.23 11.42 -5.51
N ALA A 288 10.75 12.00 -6.58
CA ALA A 288 12.20 12.13 -6.78
C ALA A 288 12.84 13.02 -5.72
N GLU A 289 12.10 14.04 -5.30
CA GLU A 289 12.58 14.98 -4.27
C GLU A 289 12.59 14.35 -2.87
N LEU A 290 11.73 13.36 -2.66
CA LEU A 290 11.65 12.64 -1.38
C LEU A 290 12.90 11.84 -1.05
N LEU A 291 13.40 11.07 -2.03
CA LEU A 291 14.58 10.21 -1.83
C LEU A 291 15.83 10.98 -1.45
N THR A 292 15.98 12.18 -1.99
CA THR A 292 17.18 13.00 -1.78
C THR A 292 17.00 14.01 -0.64
N ASP A 293 16.06 13.73 0.27
CA ASP A 293 15.78 14.60 1.40
C ASP A 293 16.81 14.41 2.51
N GLU A 294 16.96 15.46 3.33
CA GLU A 294 17.87 15.45 4.48
C GLU A 294 17.54 14.30 5.44
N PHE A 295 16.26 13.97 5.57
CA PHE A 295 15.79 12.87 6.41
C PHE A 295 16.42 11.53 6.05
N PHE A 296 16.67 11.32 4.76
CA PHE A 296 17.23 10.07 4.26
C PHE A 296 18.74 10.08 4.10
N THR A 297 19.36 11.26 4.27
CA THR A 297 20.79 11.42 4.03
C THR A 297 21.61 11.79 5.28
N SER A 298 20.92 12.16 6.36
CA SER A 298 21.60 12.59 7.58
C SER A 298 21.91 11.45 8.55
N GLY A 299 20.87 10.89 9.16
CA GLY A 299 21.05 9.89 10.21
C GLY A 299 21.34 8.48 9.70
N TYR A 300 21.31 7.52 10.62
CA TYR A 300 21.58 6.13 10.30
C TYR A 300 20.46 5.50 9.47
N ALA A 301 20.84 4.97 8.31
CA ALA A 301 19.90 4.32 7.41
C ALA A 301 20.34 2.88 7.14
N PRO A 302 19.75 1.91 7.89
CA PRO A 302 20.09 0.51 7.71
C PRO A 302 19.61 -0.03 6.37
N MET A 303 20.42 -0.89 5.76
CA MET A 303 20.07 -1.52 4.49
C MET A 303 19.21 -2.76 4.72
N ARG A 304 19.40 -3.40 5.87
CA ARG A 304 18.61 -4.56 6.28
C ARG A 304 17.96 -4.37 7.64
N LEU A 305 16.76 -4.92 7.79
CA LEU A 305 16.11 -5.01 9.09
C LEU A 305 15.78 -6.47 9.43
N PRO A 306 16.15 -6.90 10.65
CA PRO A 306 15.83 -8.27 11.08
C PRO A 306 14.33 -8.45 11.28
N THR A 307 13.88 -9.71 11.27
CA THR A 307 12.47 -10.02 11.47
C THR A 307 11.98 -9.70 12.88
N SER A 308 12.92 -9.40 13.78
CA SER A 308 12.60 -9.02 15.17
C SER A 308 11.90 -7.66 15.27
N CYS A 309 12.04 -6.85 14.22
CA CYS A 309 11.38 -5.53 14.15
C CYS A 309 9.85 -5.62 14.14
N LEU A 310 9.32 -6.81 13.87
CA LEU A 310 7.88 -7.05 13.90
C LEU A 310 7.29 -6.94 15.31
N THR A 311 8.12 -7.19 16.32
CA THR A 311 7.65 -7.24 17.71
C THR A 311 8.43 -6.31 18.64
N VAL A 312 9.76 -6.23 18.45
CA VAL A 312 10.62 -5.43 19.33
C VAL A 312 11.52 -4.47 18.53
N PRO A 313 11.98 -3.37 19.15
CA PRO A 313 12.93 -2.49 18.46
C PRO A 313 14.28 -3.17 18.21
N PRO A 314 14.92 -2.86 17.07
CA PRO A 314 16.22 -3.44 16.73
C PRO A 314 17.34 -2.87 17.59
N ARG A 315 18.28 -3.74 17.96
CA ARG A 315 19.40 -3.38 18.84
C ARG A 315 20.65 -3.04 18.03
PB ADP B . -7.86 -7.64 -0.36
O1B ADP B . -7.15 -8.53 -1.36
O2B ADP B . -9.31 -7.99 -0.13
O3B ADP B . -7.61 -6.16 -0.57
PA ADP B . -5.82 -7.23 1.53
O1A ADP B . -4.91 -7.02 0.35
O2A ADP B . -6.26 -6.05 2.37
O3A ADP B . -7.14 -8.01 1.04
O5' ADP B . -5.12 -8.31 2.51
C5' ADP B . -5.78 -8.81 3.66
C4' ADP B . -5.05 -10.04 4.20
O4' ADP B . -4.69 -10.90 3.12
C3' ADP B . -3.77 -9.64 4.93
O3' ADP B . -3.94 -9.79 6.35
C2' ADP B . -2.70 -10.56 4.39
O2' ADP B . -2.27 -11.50 5.38
C1' ADP B . -3.32 -11.30 3.21
N9 ADP B . -2.58 -10.98 1.96
C8 ADP B . -2.97 -10.12 1.00
N7 ADP B . -2.06 -10.04 0.00
C5 ADP B . -1.05 -10.88 0.31
C6 ADP B . 0.23 -11.29 -0.31
N6 ADP B . 0.62 -10.78 -1.50
N1 ADP B . 0.99 -12.19 0.35
C2 ADP B . 0.62 -12.71 1.53
N3 ADP B . -0.54 -12.39 2.15
C4 ADP B . -1.40 -11.49 1.61
#